data_5XFO
#
_entry.id   5XFO
#
_cell.length_a   61.467
_cell.length_b   66.772
_cell.length_c   76.165
_cell.angle_alpha   90.00
_cell.angle_beta   90.00
_cell.angle_gamma   90.00
#
_symmetry.space_group_name_H-M   'P 21 21 21'
#
loop_
_entity.id
_entity.type
_entity.pdbx_description
1 polymer 'PHD finger protein 1'
2 non-polymer 'ZINC ION'
3 water water
#
_entity_poly.entity_id   1
_entity_poly.type   'polypeptide(L)'
_entity_poly.pdbx_seq_one_letter_code
;SGPRPRLWEGQDVLARWTDGLLYLGTIKKVDSAREVCLVQFEDDSQFLVLWKDISPAALPGEELLCCVCRSETVVPGNRL
VSCEKCRHAYHQDCHVPRAPAPGEGEGTSWVCRQCVFAIATKRGGALKKGPYARAMLGMKLSLPYGLKGLDWDAGHLSNR
QQSYCYCGGPGEWNLKMLQCRSCLQWFHEACTQCLSKPLLYGDRFYEFECCVCRGGPEKVRRLQLRWVDVAHLVLYHLSV
CCKKKYFDFDREILPFTSENWDSLLLGELSDTPKGERSSRLLSALNSHKDRFISGREIKKRKCLFGLHARMPPPVE
;
_entity_poly.pdbx_strand_id   A
#
loop_
_chem_comp.id
_chem_comp.type
_chem_comp.name
_chem_comp.formula
ZN non-polymer 'ZINC ION' 'Zn 2'
#
# COMPACT_ATOMS: atom_id res chain seq x y z
N GLY A 2 3.14 26.48 21.15
CA GLY A 2 3.57 25.66 22.28
C GLY A 2 5.08 25.60 22.33
N PRO A 3 5.65 25.17 23.46
CA PRO A 3 7.11 25.17 23.65
C PRO A 3 7.83 23.92 23.16
N ARG A 4 7.09 22.86 22.84
CA ARG A 4 7.73 21.59 22.46
C ARG A 4 6.92 20.86 21.40
N PRO A 5 7.06 21.29 20.14
CA PRO A 5 6.35 20.69 19.00
C PRO A 5 6.69 19.21 18.87
N ARG A 6 5.79 18.41 18.33
CA ARG A 6 6.07 17.00 18.12
C ARG A 6 7.09 16.83 17.02
N LEU A 7 6.99 17.69 16.00
CA LEU A 7 7.87 17.62 14.82
C LEU A 7 8.68 18.89 14.64
N TRP A 8 9.87 18.79 14.04
CA TRP A 8 10.71 19.97 13.85
C TRP A 8 11.71 19.74 12.73
N GLU A 9 12.19 20.84 12.15
CA GLU A 9 13.21 20.76 11.10
C GLU A 9 14.44 20.00 11.60
N GLY A 10 14.97 19.12 10.76
CA GLY A 10 16.20 18.40 11.09
C GLY A 10 15.95 17.07 11.77
N GLN A 11 14.70 16.85 12.17
CA GLN A 11 14.31 15.63 12.86
C GLN A 11 14.32 14.42 11.92
N ASP A 12 14.92 13.32 12.37
CA ASP A 12 14.86 12.07 11.61
C ASP A 12 13.54 11.38 11.92
N VAL A 13 12.87 10.89 10.88
CA VAL A 13 11.53 10.32 11.03
C VAL A 13 11.35 9.13 10.13
N LEU A 14 10.34 8.32 10.44
CA LEU A 14 9.84 7.35 9.48
C LEU A 14 8.53 7.91 8.94
N ALA A 15 8.38 7.88 7.63
CA ALA A 15 7.17 8.41 6.99
C ALA A 15 6.50 7.31 6.21
N ARG A 16 5.19 7.17 6.36
CA ARG A 16 4.46 6.17 5.61
C ARG A 16 4.07 6.73 4.24
N TRP A 17 4.43 5.98 3.20
CA TRP A 17 4.23 6.36 1.80
C TRP A 17 2.92 5.78 1.28
N THR A 18 2.58 6.11 0.02
CA THR A 18 1.31 5.67 -0.56
C THR A 18 1.24 4.15 -0.81
N ASP A 19 2.35 3.45 -0.59
CA ASP A 19 2.34 1.99 -0.64
C ASP A 19 2.18 1.37 0.75
N GLY A 20 1.99 2.21 1.76
CA GLY A 20 1.76 1.72 3.12
C GLY A 20 3.04 1.44 3.89
N LEU A 21 4.17 1.55 3.21
CA LEU A 21 5.46 1.23 3.80
C LEU A 21 6.11 2.46 4.41
N LEU A 22 6.99 2.23 5.38
CA LEU A 22 7.71 3.30 6.07
C LEU A 22 9.08 3.56 5.44
N TYR A 23 9.40 4.82 5.22
CA TYR A 23 10.70 5.20 4.69
C TYR A 23 11.38 6.15 5.65
N LEU A 24 12.68 5.99 5.81
CA LEU A 24 13.47 6.85 6.67
C LEU A 24 13.72 8.17 5.98
N GLY A 25 13.56 9.26 6.73
CA GLY A 25 13.78 10.57 6.15
C GLY A 25 14.13 11.62 7.18
N THR A 26 14.34 12.85 6.70
CA THR A 26 14.66 13.97 7.57
C THR A 26 13.71 15.11 7.24
N ILE A 27 13.09 15.69 8.27
CA ILE A 27 12.20 16.84 8.05
C ILE A 27 12.99 18.09 7.69
N LYS A 28 12.62 18.72 6.58
CA LYS A 28 13.27 19.92 6.10
C LYS A 28 12.44 21.17 6.39
N LYS A 29 11.11 21.02 6.38
CA LYS A 29 10.18 22.12 6.62
C LYS A 29 8.92 21.63 7.34
N VAL A 30 8.45 22.40 8.32
CA VAL A 30 7.16 22.13 8.95
C VAL A 30 6.15 23.19 8.53
N ASP A 31 5.03 22.76 7.95
CA ASP A 31 3.98 23.67 7.47
C ASP A 31 2.73 23.49 8.32
N SER A 32 2.56 24.35 9.32
CA SER A 32 1.45 24.18 10.25
C SER A 32 0.11 24.60 9.63
N ALA A 33 0.16 25.37 8.55
CA ALA A 33 -1.09 25.77 7.90
C ALA A 33 -1.74 24.58 7.17
N ARG A 34 -0.92 23.81 6.47
CA ARG A 34 -1.42 22.68 5.68
C ARG A 34 -1.29 21.35 6.43
N GLU A 35 -0.68 21.40 7.61
CA GLU A 35 -0.44 20.21 8.41
C GLU A 35 0.36 19.18 7.63
N VAL A 36 1.44 19.64 7.02
CA VAL A 36 2.36 18.74 6.33
C VAL A 36 3.78 19.06 6.69
N CYS A 37 4.69 18.15 6.37
CA CYS A 37 6.13 18.41 6.44
C CYS A 37 6.75 18.10 5.11
N LEU A 38 7.74 18.89 4.72
CA LEU A 38 8.60 18.53 3.60
C LEU A 38 9.62 17.54 4.13
N VAL A 39 9.64 16.33 3.59
CA VAL A 39 10.56 15.32 4.10
C VAL A 39 11.56 14.94 3.01
N GLN A 40 12.82 14.83 3.39
CA GLN A 40 13.84 14.39 2.45
C GLN A 40 14.20 12.94 2.72
N PHE A 41 14.11 12.09 1.72
CA PHE A 41 14.27 10.66 1.93
C PHE A 41 15.69 10.22 1.61
N GLU A 42 15.98 8.94 1.75
CA GLU A 42 17.38 8.49 1.68
C GLU A 42 17.96 8.58 0.27
N ASP A 43 17.08 8.67 -0.74
CA ASP A 43 17.53 8.92 -2.13
C ASP A 43 17.51 10.41 -2.48
N ASP A 44 17.39 11.24 -1.46
CA ASP A 44 17.34 12.71 -1.57
C ASP A 44 16.09 13.27 -2.24
N SER A 45 15.15 12.40 -2.58
CA SER A 45 13.84 12.89 -3.04
C SER A 45 13.16 13.64 -1.89
N GLN A 46 12.40 14.68 -2.22
CA GLN A 46 11.66 15.47 -1.22
C GLN A 46 10.15 15.52 -1.54
N PHE A 47 9.32 15.22 -0.56
CA PHE A 47 7.88 15.20 -0.74
C PHE A 47 7.19 15.75 0.48
N LEU A 48 6.00 16.31 0.29
CA LEU A 48 5.18 16.72 1.43
C LEU A 48 4.50 15.48 1.98
N VAL A 49 4.54 15.35 3.30
CA VAL A 49 3.94 14.22 4.00
C VAL A 49 3.01 14.77 5.06
N LEU A 50 1.80 14.20 5.16
CA LEU A 50 0.86 14.62 6.20
C LEU A 50 1.39 14.26 7.57
N TRP A 51 1.10 15.10 8.58
CA TRP A 51 1.61 14.85 9.92
C TRP A 51 1.22 13.48 10.46
N LYS A 52 0.03 12.99 10.10
CA LYS A 52 -0.45 11.70 10.60
C LYS A 52 0.44 10.55 10.14
N ASP A 53 1.18 10.78 9.05
CA ASP A 53 1.99 9.72 8.46
C ASP A 53 3.48 9.83 8.83
N ILE A 54 3.78 10.60 9.88
CA ILE A 54 5.16 10.84 10.28
C ILE A 54 5.36 10.35 11.71
N SER A 55 6.32 9.45 11.92
CA SER A 55 6.69 8.95 13.25
C SER A 55 8.14 9.27 13.58
N PRO A 56 8.35 10.11 14.60
CA PRO A 56 9.70 10.39 15.11
C PRO A 56 10.09 9.40 16.21
N ALA A 57 11.38 9.33 16.52
CA ALA A 57 11.85 8.47 17.61
C ALA A 57 11.63 9.17 18.95
N ALA A 58 11.57 8.38 20.02
CA ALA A 58 11.39 8.95 21.35
C ALA A 58 12.69 9.59 21.81
N LEU A 59 12.57 10.75 22.45
CA LEU A 59 13.73 11.42 23.03
C LEU A 59 14.11 10.77 24.36
N PRO A 60 15.37 10.96 24.81
CA PRO A 60 15.77 10.44 26.12
C PRO A 60 14.98 11.08 27.26
N GLY A 61 14.18 10.28 27.96
CA GLY A 61 13.39 10.77 29.06
C GLY A 61 11.89 10.67 28.79
N GLU A 62 11.54 10.00 27.70
CA GLU A 62 10.14 9.95 27.29
C GLU A 62 9.57 8.54 27.35
N GLU A 63 9.86 7.83 28.43
CA GLU A 63 9.16 6.59 28.75
C GLU A 63 8.04 6.91 29.73
N LEU A 64 8.19 8.05 30.40
CA LEU A 64 7.14 8.61 31.26
C LEU A 64 5.90 8.96 30.43
N LEU A 65 6.08 9.06 29.12
CA LEU A 65 5.07 9.69 28.27
C LEU A 65 4.48 8.75 27.22
N CYS A 66 3.16 8.74 27.18
CA CYS A 66 2.42 8.17 26.07
C CYS A 66 2.85 8.90 24.79
N CYS A 67 3.35 8.14 23.81
CA CYS A 67 3.83 8.75 22.57
C CYS A 67 2.69 9.32 21.73
N VAL A 68 1.46 8.90 22.03
CA VAL A 68 0.30 9.35 21.29
C VAL A 68 -0.24 10.68 21.81
N CYS A 69 -0.48 10.74 23.13
CA CYS A 69 -1.14 11.90 23.73
C CYS A 69 -0.19 12.75 24.55
N ARG A 70 1.08 12.33 24.64
CA ARG A 70 2.16 13.10 25.28
C ARG A 70 2.03 13.23 26.79
N SER A 71 1.07 12.52 27.38
CA SER A 71 0.80 12.73 28.80
C SER A 71 1.47 11.74 29.75
N GLU A 72 1.70 12.25 30.96
CA GLU A 72 2.23 11.54 32.12
C GLU A 72 1.22 10.60 32.77
N THR A 73 0.00 11.11 32.92
CA THR A 73 -0.96 10.57 33.87
C THR A 73 -1.32 9.12 33.63
N VAL A 74 -1.45 8.39 34.74
CA VAL A 74 -1.93 7.03 34.74
C VAL A 74 -3.11 6.94 35.71
N VAL A 75 -4.19 6.33 35.26
CA VAL A 75 -5.35 6.11 36.12
C VAL A 75 -5.71 4.63 36.08
N PRO A 76 -6.39 4.14 37.12
CA PRO A 76 -6.84 2.74 37.13
C PRO A 76 -7.61 2.35 35.88
N GLY A 77 -7.18 1.28 35.21
CA GLY A 77 -7.87 0.80 34.03
C GLY A 77 -7.27 1.27 32.72
N ASN A 78 -6.39 2.27 32.79
CA ASN A 78 -5.72 2.79 31.60
C ASN A 78 -4.26 3.14 31.91
N ARG A 79 -3.42 2.12 32.02
CA ARG A 79 -2.02 2.34 32.41
C ARG A 79 -1.13 2.57 31.19
N LEU A 80 0.12 2.94 31.44
CA LEU A 80 1.09 3.05 30.36
C LEU A 80 1.70 1.68 30.09
N VAL A 81 1.83 1.34 28.81
CA VAL A 81 2.42 0.09 28.37
C VAL A 81 3.54 0.39 27.39
N SER A 82 4.66 -0.33 27.50
CA SER A 82 5.82 -0.10 26.64
C SER A 82 5.99 -1.15 25.55
N CYS A 83 6.30 -0.68 24.34
CA CYS A 83 6.51 -1.56 23.19
C CYS A 83 7.85 -2.26 23.35
N GLU A 84 7.89 -3.57 23.26
CA GLU A 84 9.15 -4.25 23.55
C GLU A 84 10.10 -4.27 22.35
N LYS A 85 9.63 -3.64 21.27
CA LYS A 85 10.42 -3.39 20.07
C LYS A 85 11.04 -2.00 20.14
N CYS A 86 10.22 -0.97 20.07
CA CYS A 86 10.73 0.40 19.98
C CYS A 86 10.85 1.08 21.35
N ARG A 87 10.33 0.43 22.39
CA ARG A 87 10.37 0.96 23.75
C ARG A 87 9.72 2.34 23.88
N HIS A 88 8.79 2.65 22.98
CA HIS A 88 7.87 3.77 23.19
C HIS A 88 6.72 3.35 24.10
N ALA A 89 6.09 4.33 24.76
CA ALA A 89 5.04 4.01 25.72
C ALA A 89 3.68 4.49 25.21
N TYR A 90 2.64 3.74 25.56
CA TYR A 90 1.27 4.01 25.15
C TYR A 90 0.32 3.83 26.34
N HIS A 91 -0.65 4.74 26.48
CA HIS A 91 -1.82 4.46 27.30
C HIS A 91 -2.55 3.30 26.67
N GLN A 92 -3.10 2.40 27.47
CA GLN A 92 -3.85 1.28 26.89
C GLN A 92 -4.90 1.77 25.92
N ASP A 93 -5.59 2.84 26.29
CA ASP A 93 -6.68 3.35 25.45
C ASP A 93 -6.22 4.33 24.37
N CYS A 94 -4.92 4.64 24.29
CA CYS A 94 -4.40 5.45 23.20
C CYS A 94 -3.91 4.58 22.05
N HIS A 95 -3.87 3.28 22.30
CA HIS A 95 -3.44 2.34 21.28
C HIS A 95 -4.65 1.69 20.63
N VAL A 96 -4.56 1.40 19.34
CA VAL A 96 -5.61 0.65 18.66
C VAL A 96 -5.06 -0.65 18.08
N PRO A 97 -5.56 -1.80 18.57
CA PRO A 97 -6.59 -1.90 19.61
C PRO A 97 -6.00 -1.69 21.00
N ARG A 98 -6.86 -1.61 22.01
CA ARG A 98 -6.43 -1.38 23.38
C ARG A 98 -5.25 -2.26 23.76
N ALA A 99 -4.19 -1.64 24.24
CA ALA A 99 -2.97 -2.36 24.59
C ALA A 99 -3.16 -3.16 25.88
N PRO A 100 -2.71 -4.42 25.89
CA PRO A 100 -2.87 -5.26 27.08
C PRO A 100 -1.93 -4.85 28.21
N ALA A 101 -2.41 -4.97 29.45
CA ALA A 101 -1.54 -4.84 30.61
C ALA A 101 -0.50 -5.97 30.57
N PRO A 102 0.69 -5.73 31.17
CA PRO A 102 1.78 -6.72 31.09
C PRO A 102 1.35 -8.09 31.58
N GLY A 103 1.71 -9.13 30.83
CA GLY A 103 1.36 -10.50 31.18
C GLY A 103 -0.09 -10.85 30.88
N GLU A 104 -0.77 -10.00 30.13
CA GLU A 104 -2.18 -10.25 29.81
C GLU A 104 -2.41 -10.25 28.30
N GLY A 105 -1.34 -10.33 27.54
CA GLY A 105 -1.40 -10.37 26.09
C GLY A 105 -1.72 -11.75 25.54
N GLU A 106 -1.49 -11.95 24.25
CA GLU A 106 -1.82 -13.22 23.60
C GLU A 106 -0.59 -14.04 23.21
N GLY A 107 0.49 -13.35 22.84
CA GLY A 107 1.69 -14.04 22.43
C GLY A 107 2.72 -14.10 23.54
N THR A 108 3.96 -14.37 23.16
CA THR A 108 5.10 -14.27 24.08
C THR A 108 5.06 -12.88 24.77
N SER A 109 4.58 -11.88 24.05
CA SER A 109 4.80 -10.48 24.37
C SER A 109 4.08 -9.45 23.48
N TRP A 110 4.15 -8.19 23.90
CA TRP A 110 3.45 -7.10 23.20
C TRP A 110 4.38 -6.12 22.48
N VAL A 111 4.05 -5.89 21.22
CA VAL A 111 4.71 -4.95 20.33
C VAL A 111 3.65 -4.04 19.68
N CYS A 112 3.95 -2.76 19.51
CA CYS A 112 2.92 -1.80 19.10
C CYS A 112 2.55 -1.91 17.61
N ARG A 113 1.43 -1.30 17.25
CA ARG A 113 0.88 -1.39 15.87
C ARG A 113 1.90 -0.90 14.83
N GLN A 114 2.54 0.23 15.11
CA GLN A 114 3.53 0.80 14.19
C GLN A 114 4.65 -0.20 13.91
N CYS A 115 5.17 -0.81 14.97
CA CYS A 115 6.25 -1.78 14.84
C CYS A 115 5.80 -3.06 14.18
N VAL A 116 4.59 -3.50 14.51
CA VAL A 116 4.08 -4.72 13.90
C VAL A 116 3.96 -4.51 12.40
N PHE A 117 3.45 -3.35 12.00
CA PHE A 117 3.33 -3.07 10.58
C PHE A 117 4.70 -2.87 9.94
N ALA A 118 5.62 -2.21 10.66
CA ALA A 118 6.97 -1.98 10.14
C ALA A 118 7.71 -3.28 9.87
N ILE A 119 7.48 -4.29 10.71
CA ILE A 119 8.15 -5.57 10.53
C ILE A 119 7.44 -6.49 9.52
N ALA A 120 6.10 -6.46 9.52
CA ALA A 120 5.32 -7.43 8.78
C ALA A 120 4.96 -7.02 7.35
N THR A 121 4.77 -5.73 7.10
CA THR A 121 4.41 -5.28 5.75
C THR A 121 5.59 -5.47 4.81
N LYS A 122 5.31 -5.89 3.58
CA LYS A 122 6.35 -6.13 2.59
C LYS A 122 5.80 -5.85 1.20
N ARG A 123 6.64 -5.34 0.30
CA ARG A 123 6.24 -5.27 -1.10
C ARG A 123 5.86 -6.65 -1.57
N GLY A 124 4.74 -6.75 -2.28
CA GLY A 124 4.25 -8.01 -2.79
C GLY A 124 3.28 -8.70 -1.86
N GLY A 125 3.16 -8.19 -0.64
CA GLY A 125 2.27 -8.80 0.35
C GLY A 125 2.98 -9.02 1.65
N ALA A 126 2.28 -8.76 2.75
CA ALA A 126 2.83 -8.88 4.10
C ALA A 126 3.16 -10.31 4.47
N LEU A 127 4.03 -10.47 5.48
CA LEU A 127 4.36 -11.78 6.01
C LEU A 127 3.10 -12.57 6.38
N LYS A 128 3.06 -13.85 6.02
CA LYS A 128 1.87 -14.68 6.23
C LYS A 128 1.98 -15.60 7.44
N LYS A 129 3.21 -15.91 7.86
CA LYS A 129 3.44 -16.91 8.89
C LYS A 129 4.28 -16.35 10.03
N GLY A 130 4.02 -16.81 11.25
CA GLY A 130 4.85 -16.46 12.39
C GLY A 130 4.21 -15.42 13.28
N PRO A 131 4.88 -15.11 14.41
CA PRO A 131 4.36 -14.21 15.46
C PRO A 131 3.96 -12.82 14.94
N TYR A 132 4.79 -12.21 14.11
CA TYR A 132 4.47 -10.87 13.65
C TYR A 132 3.29 -10.91 12.68
N ALA A 133 3.25 -11.94 11.84
CA ALA A 133 2.12 -12.15 10.94
C ALA A 133 0.82 -12.34 11.71
N ARG A 134 0.90 -13.10 12.80
CA ARG A 134 -0.29 -13.31 13.63
C ARG A 134 -0.68 -12.05 14.37
N ALA A 135 0.31 -11.35 14.91
CA ALA A 135 0.03 -10.07 15.56
C ALA A 135 -0.59 -9.07 14.58
N MET A 136 -0.10 -9.06 13.36
CA MET A 136 -0.61 -8.12 12.37
C MET A 136 -2.07 -8.41 12.08
N LEU A 137 -2.41 -9.69 11.93
CA LEU A 137 -3.80 -10.07 11.72
C LEU A 137 -4.66 -9.54 12.87
N GLY A 138 -4.20 -9.73 14.10
CA GLY A 138 -4.90 -9.18 15.25
C GLY A 138 -5.13 -7.68 15.14
N MET A 139 -4.07 -6.93 14.85
CA MET A 139 -4.16 -5.49 14.69
C MET A 139 -5.17 -5.10 13.63
N LYS A 140 -5.22 -5.89 12.56
CA LYS A 140 -6.00 -5.55 11.37
C LYS A 140 -7.50 -5.72 11.56
N LEU A 141 -7.92 -6.21 12.72
CA LEU A 141 -9.36 -6.31 13.02
C LEU A 141 -9.93 -4.95 13.40
N SER A 142 -9.06 -3.98 13.64
CA SER A 142 -9.45 -2.62 14.02
C SER A 142 -8.82 -1.61 13.08
N LEU A 143 -9.48 -0.47 12.89
CA LEU A 143 -8.89 0.64 12.11
C LEU A 143 -8.46 1.75 13.06
N PRO A 144 -7.33 2.40 12.77
CA PRO A 144 -6.84 3.46 13.66
C PRO A 144 -7.43 4.83 13.33
N TYR A 145 -8.54 4.84 12.61
CA TYR A 145 -9.22 6.07 12.21
C TYR A 145 -10.69 5.73 12.06
N GLY A 146 -11.56 6.73 12.00
CA GLY A 146 -12.98 6.45 11.94
C GLY A 146 -13.43 6.36 10.49
N LEU A 147 -13.90 5.20 10.07
CA LEU A 147 -14.30 5.04 8.66
C LEU A 147 -15.43 5.97 8.24
N LYS A 148 -16.38 6.19 9.13
CA LYS A 148 -17.60 6.89 8.74
C LYS A 148 -17.40 8.39 8.58
N GLY A 149 -16.34 8.93 9.18
CA GLY A 149 -16.04 10.35 9.08
C GLY A 149 -15.30 10.82 7.85
N LEU A 150 -14.89 9.90 6.98
CA LEU A 150 -14.04 10.23 5.84
C LEU A 150 -14.79 10.99 4.75
N ASP A 151 -14.13 11.99 4.16
CA ASP A 151 -14.76 12.80 3.11
C ASP A 151 -14.31 12.33 1.72
N TRP A 152 -15.13 11.45 1.14
CA TRP A 152 -14.80 10.83 -0.14
C TRP A 152 -15.15 11.70 -1.35
N ASP A 153 -14.38 11.54 -2.42
CA ASP A 153 -14.77 12.14 -3.69
C ASP A 153 -15.96 11.36 -4.24
N ALA A 154 -16.52 11.79 -5.37
CA ALA A 154 -17.80 11.27 -5.83
C ALA A 154 -17.77 9.76 -6.15
N GLY A 155 -16.65 9.30 -6.71
CA GLY A 155 -16.52 7.91 -7.11
C GLY A 155 -15.98 6.97 -6.03
N HIS A 156 -15.78 7.49 -4.82
CA HIS A 156 -15.25 6.71 -3.69
C HIS A 156 -13.87 6.12 -4.01
N LEU A 157 -13.01 6.96 -4.58
CA LEU A 157 -11.65 6.56 -4.97
C LEU A 157 -10.59 7.20 -4.08
N SER A 158 -10.90 8.38 -3.56
CA SER A 158 -9.99 9.08 -2.68
C SER A 158 -10.77 9.86 -1.63
N ASN A 159 -10.16 10.08 -0.48
CA ASN A 159 -10.79 10.92 0.55
C ASN A 159 -9.84 12.03 0.97
N ARG A 160 -10.43 13.12 1.45
CA ARG A 160 -9.67 14.32 1.81
C ARG A 160 -8.66 14.07 2.92
N GLN A 161 -9.02 13.19 3.86
CA GLN A 161 -8.14 12.86 4.97
C GLN A 161 -6.90 12.08 4.52
N GLN A 162 -7.02 11.46 3.35
CA GLN A 162 -6.00 10.52 2.83
C GLN A 162 -5.76 9.38 3.84
N SER A 163 -6.84 8.92 4.44
CA SER A 163 -6.83 7.77 5.34
C SER A 163 -7.30 6.52 4.59
N TYR A 164 -6.39 5.56 4.41
CA TYR A 164 -6.76 4.31 3.74
C TYR A 164 -6.32 3.11 4.55
N CYS A 165 -6.85 1.94 4.20
CA CYS A 165 -6.26 0.66 4.55
C CYS A 165 -6.33 0.39 6.07
N TYR A 166 -5.67 -0.68 6.49
CA TYR A 166 -5.54 -0.99 7.92
C TYR A 166 -4.56 -0.04 8.59
N CYS A 167 -3.63 0.50 7.79
CA CYS A 167 -2.55 1.28 8.35
C CYS A 167 -2.95 2.73 8.60
N GLY A 168 -3.95 3.22 7.88
CA GLY A 168 -4.33 4.62 7.99
C GLY A 168 -3.42 5.53 7.17
N GLY A 169 -2.57 4.95 6.33
CA GLY A 169 -1.66 5.74 5.51
C GLY A 169 -2.34 6.32 4.26
N PRO A 170 -1.60 7.11 3.47
CA PRO A 170 -2.12 7.63 2.21
C PRO A 170 -2.13 6.50 1.16
N GLY A 171 -2.65 6.75 -0.03
CA GLY A 171 -2.67 5.72 -1.04
C GLY A 171 -3.31 6.18 -2.32
N GLU A 172 -2.96 5.53 -3.42
CA GLU A 172 -3.62 5.82 -4.68
C GLU A 172 -4.35 4.56 -5.09
N TRP A 173 -5.67 4.68 -5.24
CA TRP A 173 -6.54 3.53 -5.44
C TRP A 173 -6.11 2.65 -6.60
N ASN A 174 -5.54 3.27 -7.62
CA ASN A 174 -5.16 2.58 -8.86
C ASN A 174 -3.76 1.97 -8.81
N LEU A 175 -3.03 2.21 -7.73
CA LEU A 175 -1.65 1.74 -7.64
C LEU A 175 -1.46 0.73 -6.50
N LYS A 176 -1.59 -0.55 -6.84
CA LYS A 176 -1.40 -1.67 -5.91
C LYS A 176 -2.26 -1.53 -4.66
N MET A 177 -3.54 -1.27 -4.89
CA MET A 177 -4.52 -1.32 -3.82
C MET A 177 -5.69 -2.18 -4.23
N LEU A 178 -6.41 -2.68 -3.23
CA LEU A 178 -7.61 -3.48 -3.43
C LEU A 178 -8.77 -2.82 -2.71
N GLN A 179 -9.93 -2.81 -3.36
CA GLN A 179 -11.10 -2.25 -2.71
C GLN A 179 -11.93 -3.36 -2.07
N CYS A 180 -12.27 -3.18 -0.80
CA CYS A 180 -13.12 -4.14 -0.10
C CYS A 180 -14.55 -4.04 -0.60
N ARG A 181 -15.13 -5.18 -0.99
CA ARG A 181 -16.50 -5.23 -1.51
C ARG A 181 -17.56 -4.83 -0.48
N SER A 182 -17.22 -4.88 0.81
CA SER A 182 -18.17 -4.61 1.89
C SER A 182 -18.12 -3.18 2.42
N CYS A 183 -16.92 -2.66 2.67
CA CYS A 183 -16.81 -1.32 3.24
C CYS A 183 -16.34 -0.28 2.23
N LEU A 184 -15.92 -0.75 1.05
CA LEU A 184 -15.47 0.09 -0.06
C LEU A 184 -14.20 0.88 0.24
N GLN A 185 -13.56 0.60 1.37
CA GLN A 185 -12.25 1.20 1.66
C GLN A 185 -11.21 0.52 0.79
N TRP A 186 -10.11 1.22 0.55
CA TRP A 186 -9.00 0.70 -0.25
C TRP A 186 -7.85 0.26 0.66
N PHE A 187 -7.16 -0.81 0.26
CA PHE A 187 -6.13 -1.42 1.11
C PHE A 187 -4.87 -1.69 0.31
N HIS A 188 -3.72 -1.41 0.92
CA HIS A 188 -2.42 -1.61 0.25
C HIS A 188 -2.08 -3.07 0.06
N GLU A 189 -1.54 -3.38 -1.12
CA GLU A 189 -0.88 -4.67 -1.36
C GLU A 189 0.00 -5.11 -0.18
N ALA A 190 0.88 -4.21 0.25
CA ALA A 190 1.86 -4.54 1.29
C ALA A 190 1.26 -4.83 2.66
N CYS A 191 0.01 -4.43 2.87
CA CYS A 191 -0.61 -4.59 4.17
C CYS A 191 -1.55 -5.79 4.22
N THR A 192 -1.79 -6.40 3.05
CA THR A 192 -2.67 -7.56 2.97
C THR A 192 -1.86 -8.83 3.21
N GLN A 193 -2.54 -9.92 3.52
CA GLN A 193 -1.85 -11.17 3.75
C GLN A 193 -2.44 -12.33 2.94
N CYS A 194 -3.21 -11.99 1.91
CA CYS A 194 -3.96 -13.01 1.18
C CYS A 194 -3.48 -13.27 -0.25
N LEU A 195 -2.55 -12.47 -0.76
CA LEU A 195 -2.14 -12.59 -2.17
C LEU A 195 -1.10 -13.69 -2.39
N SER A 196 -1.19 -14.35 -3.54
CA SER A 196 -0.16 -15.34 -3.92
C SER A 196 0.87 -14.71 -4.84
N LYS A 197 0.51 -13.59 -5.45
CA LYS A 197 1.42 -12.84 -6.31
C LYS A 197 1.19 -11.35 -6.10
N PRO A 198 2.23 -10.53 -6.33
CA PRO A 198 2.05 -9.08 -6.26
C PRO A 198 1.03 -8.59 -7.28
N LEU A 199 0.39 -7.46 -6.99
CA LEU A 199 -0.59 -6.86 -7.90
C LEU A 199 0.05 -6.11 -9.05
N LEU A 200 -0.49 -6.28 -10.25
CA LEU A 200 -0.17 -5.37 -11.34
C LEU A 200 -0.79 -4.01 -11.04
N TYR A 201 -0.07 -2.92 -11.33
CA TYR A 201 -0.67 -1.60 -11.23
C TYR A 201 -1.90 -1.56 -12.09
N GLY A 202 -2.96 -0.94 -11.59
CA GLY A 202 -4.17 -0.78 -12.38
C GLY A 202 -5.08 -2.00 -12.42
N ASP A 203 -4.67 -3.09 -11.80
CA ASP A 203 -5.43 -4.35 -11.89
C ASP A 203 -6.55 -4.44 -10.86
N ARG A 204 -7.80 -4.35 -11.32
CA ARG A 204 -8.94 -4.49 -10.44
C ARG A 204 -9.69 -5.79 -10.71
N PHE A 205 -9.03 -6.73 -11.37
CA PHE A 205 -9.66 -8.02 -11.68
C PHE A 205 -9.60 -8.96 -10.49
N TYR A 206 -10.16 -8.47 -9.40
CA TYR A 206 -10.17 -9.14 -8.09
C TYR A 206 -11.50 -8.91 -7.41
N GLU A 207 -11.86 -9.82 -6.51
CA GLU A 207 -12.86 -9.54 -5.50
C GLU A 207 -12.17 -9.69 -4.15
N PHE A 208 -12.37 -8.71 -3.28
CA PHE A 208 -11.64 -8.64 -2.02
C PHE A 208 -12.56 -8.30 -0.85
N GLU A 209 -12.29 -8.92 0.30
CA GLU A 209 -12.99 -8.57 1.52
C GLU A 209 -11.99 -8.47 2.68
N CYS A 210 -11.97 -7.32 3.35
CA CYS A 210 -10.93 -7.01 4.34
C CYS A 210 -11.13 -7.68 5.69
N CYS A 211 -10.10 -7.68 6.53
CA CYS A 211 -10.17 -8.29 7.85
C CYS A 211 -11.21 -7.65 8.77
N VAL A 212 -11.43 -6.36 8.61
CA VAL A 212 -12.33 -5.68 9.52
C VAL A 212 -13.74 -6.15 9.26
N CYS A 213 -14.12 -6.18 7.98
CA CYS A 213 -15.41 -6.67 7.57
C CYS A 213 -15.60 -8.17 7.83
N ARG A 214 -14.53 -8.95 7.69
CA ARG A 214 -14.62 -10.39 7.89
C ARG A 214 -14.55 -10.76 9.37
N GLY A 215 -13.98 -9.88 10.19
CA GLY A 215 -13.69 -10.21 11.57
C GLY A 215 -12.71 -11.37 11.65
N GLY A 216 -11.75 -11.38 10.73
CA GLY A 216 -10.77 -12.44 10.64
C GLY A 216 -10.01 -12.33 9.33
N PRO A 217 -9.43 -13.45 8.85
CA PRO A 217 -8.58 -13.43 7.66
C PRO A 217 -9.28 -12.88 6.43
N GLU A 218 -8.55 -12.13 5.61
CA GLU A 218 -9.05 -11.62 4.35
C GLU A 218 -9.53 -12.74 3.44
N LYS A 219 -10.41 -12.40 2.51
CA LYS A 219 -10.73 -13.32 1.42
C LYS A 219 -10.50 -12.60 0.10
N VAL A 220 -9.92 -13.30 -0.87
CA VAL A 220 -9.68 -12.69 -2.18
C VAL A 220 -9.90 -13.72 -3.27
N ARG A 221 -10.33 -13.26 -4.44
CA ARG A 221 -10.38 -14.14 -5.59
C ARG A 221 -9.95 -13.39 -6.83
N ARG A 222 -9.17 -14.07 -7.65
CA ARG A 222 -8.67 -13.56 -8.90
C ARG A 222 -9.70 -13.82 -9.99
N LEU A 223 -10.14 -12.76 -10.70
CA LEU A 223 -11.09 -12.94 -11.79
C LEU A 223 -10.35 -13.28 -13.10
N GLN A 224 -11.03 -13.95 -14.02
CA GLN A 224 -10.40 -14.36 -15.27
C GLN A 224 -10.20 -13.21 -16.26
N LEU A 225 -8.98 -13.04 -16.75
CA LEU A 225 -8.68 -12.03 -17.77
C LEU A 225 -8.88 -12.58 -19.20
N ARG A 226 -9.24 -11.69 -20.13
CA ARG A 226 -9.19 -11.96 -21.57
C ARG A 226 -7.88 -11.40 -22.13
N TRP A 227 -7.51 -11.76 -23.35
CA TRP A 227 -6.24 -11.27 -23.93
C TRP A 227 -6.17 -9.75 -24.01
N VAL A 228 -7.29 -9.10 -24.32
CA VAL A 228 -7.29 -7.65 -24.35
C VAL A 228 -6.98 -7.08 -22.96
N ASP A 229 -7.48 -7.75 -21.93
CA ASP A 229 -7.22 -7.31 -20.56
C ASP A 229 -5.74 -7.49 -20.22
N VAL A 230 -5.15 -8.59 -20.68
CA VAL A 230 -3.72 -8.84 -20.45
C VAL A 230 -2.89 -7.74 -21.05
N ALA A 231 -3.14 -7.45 -22.32
CA ALA A 231 -2.40 -6.43 -23.02
C ALA A 231 -2.56 -5.07 -22.33
N HIS A 232 -3.78 -4.75 -21.93
CA HIS A 232 -4.04 -3.46 -21.34
C HIS A 232 -3.36 -3.35 -19.97
N LEU A 233 -3.43 -4.42 -19.17
CA LEU A 233 -2.85 -4.39 -17.83
C LEU A 233 -1.32 -4.38 -17.86
N VAL A 234 -0.74 -5.15 -18.79
CA VAL A 234 0.72 -5.11 -18.91
C VAL A 234 1.19 -3.71 -19.33
N LEU A 235 0.51 -3.12 -20.29
CA LEU A 235 0.86 -1.79 -20.74
C LEU A 235 0.67 -0.74 -19.64
N TYR A 236 -0.40 -0.87 -18.87
CA TYR A 236 -0.65 0.05 -17.76
C TYR A 236 0.43 -0.07 -16.71
N HIS A 237 0.74 -1.32 -16.36
CA HIS A 237 1.75 -1.60 -15.34
C HIS A 237 3.11 -1.04 -15.75
N LEU A 238 3.49 -1.29 -17.01
CA LEU A 238 4.75 -0.76 -17.51
C LEU A 238 4.74 0.75 -17.55
N SER A 239 3.59 1.32 -17.94
CA SER A 239 3.48 2.77 -18.02
C SER A 239 3.76 3.38 -16.64
N VAL A 240 3.18 2.79 -15.59
CA VAL A 240 3.42 3.26 -14.22
C VAL A 240 4.85 3.01 -13.75
N CYS A 241 5.33 1.78 -13.95
CA CYS A 241 6.69 1.43 -13.53
C CYS A 241 7.74 2.32 -14.17
N CYS A 242 7.61 2.50 -15.49
CA CYS A 242 8.68 3.12 -16.27
C CYS A 242 8.45 4.62 -16.53
N LYS A 243 7.26 5.12 -16.19
CA LYS A 243 6.90 6.52 -16.41
C LYS A 243 7.19 7.02 -17.83
N LYS A 244 6.76 6.23 -18.81
CA LYS A 244 6.80 6.65 -20.21
C LYS A 244 5.58 6.06 -20.91
N LYS A 245 5.28 6.52 -22.12
CA LYS A 245 4.05 6.15 -22.80
C LYS A 245 4.18 4.96 -23.74
N TYR A 246 5.28 4.92 -24.50
CA TYR A 246 5.44 3.90 -25.54
C TYR A 246 6.44 2.82 -25.16
N PHE A 247 6.07 1.58 -25.47
CA PHE A 247 6.90 0.41 -25.15
C PHE A 247 7.10 -0.45 -26.37
N ASP A 248 8.32 -0.94 -26.54
CA ASP A 248 8.60 -1.80 -27.67
C ASP A 248 8.09 -3.21 -27.40
N PHE A 249 7.41 -3.79 -28.38
CA PHE A 249 6.83 -5.11 -28.19
C PHE A 249 7.88 -6.18 -27.92
N ASP A 250 8.89 -6.28 -28.79
CA ASP A 250 9.88 -7.35 -28.68
C ASP A 250 10.87 -7.17 -27.52
N ARG A 251 11.20 -5.92 -27.19
CA ARG A 251 12.23 -5.67 -26.19
C ARG A 251 11.68 -5.44 -24.79
N GLU A 252 10.41 -5.05 -24.69
CA GLU A 252 9.86 -4.65 -23.40
C GLU A 252 8.57 -5.38 -23.06
N ILE A 253 7.58 -5.30 -23.95
CA ILE A 253 6.26 -5.86 -23.61
C ILE A 253 6.28 -7.38 -23.54
N LEU A 254 6.72 -8.03 -24.60
CA LEU A 254 6.72 -9.49 -24.61
C LEU A 254 7.66 -10.07 -23.55
N PRO A 255 8.90 -9.53 -23.41
CA PRO A 255 9.76 -10.07 -22.35
C PRO A 255 9.14 -9.91 -20.97
N PHE A 256 8.50 -8.77 -20.71
CA PHE A 256 7.86 -8.60 -19.41
C PHE A 256 6.82 -9.68 -19.18
N THR A 257 5.99 -9.91 -20.19
CA THR A 257 4.90 -10.87 -20.07
C THR A 257 5.50 -12.26 -19.91
N SER A 258 6.54 -12.55 -20.66
CA SER A 258 7.18 -13.85 -20.61
C SER A 258 7.84 -14.12 -19.26
N GLU A 259 8.68 -13.18 -18.82
CA GLU A 259 9.42 -13.34 -17.58
C GLU A 259 8.53 -13.35 -16.34
N ASN A 260 7.39 -12.66 -16.40
CA ASN A 260 6.50 -12.58 -15.24
C ASN A 260 5.21 -13.37 -15.41
N TRP A 261 5.18 -14.26 -16.40
CA TRP A 261 3.99 -15.00 -16.77
C TRP A 261 3.21 -15.60 -15.59
N ASP A 262 3.86 -16.37 -14.73
CA ASP A 262 3.14 -16.97 -13.61
C ASP A 262 2.63 -15.93 -12.62
N SER A 263 3.30 -14.79 -12.53
CA SER A 263 2.88 -13.78 -11.55
C SER A 263 1.66 -13.00 -12.02
N LEU A 264 1.32 -13.12 -13.30
CA LEU A 264 0.21 -12.35 -13.86
C LEU A 264 -1.14 -12.99 -13.52
N LEU A 265 -1.09 -14.23 -13.01
CA LEU A 265 -2.28 -15.01 -12.63
C LEU A 265 -3.32 -14.98 -13.74
N LEU A 266 -2.98 -15.59 -14.87
CA LEU A 266 -3.79 -15.52 -16.08
C LEU A 266 -4.84 -16.62 -16.20
N GLY A 267 -4.96 -17.42 -15.15
CA GLY A 267 -5.94 -18.50 -15.12
C GLY A 267 -5.87 -19.41 -16.33
N GLU A 268 -6.98 -19.52 -17.04
CA GLU A 268 -7.09 -20.46 -18.14
C GLU A 268 -6.17 -20.16 -19.31
N LEU A 269 -5.54 -18.99 -19.31
CA LEU A 269 -4.66 -18.63 -20.41
C LEU A 269 -3.22 -19.12 -20.17
N SER A 270 -3.01 -19.80 -19.05
CA SER A 270 -1.66 -20.14 -18.60
C SER A 270 -0.81 -21.00 -19.54
N ASP A 271 -1.41 -21.91 -20.31
CA ASP A 271 -0.60 -22.79 -21.16
C ASP A 271 -0.61 -22.42 -22.65
N THR A 272 -0.63 -21.14 -22.91
CA THR A 272 -0.53 -20.71 -24.22
C THR A 272 0.90 -20.85 -24.65
N PRO A 273 1.04 -21.58 -25.82
CA PRO A 273 2.43 -21.97 -26.11
C PRO A 273 3.43 -21.02 -26.81
N LYS A 274 3.67 -19.87 -26.24
CA LYS A 274 4.76 -19.01 -26.64
C LYS A 274 4.70 -18.33 -27.96
N GLY A 275 4.63 -19.12 -29.02
CA GLY A 275 4.45 -18.56 -30.33
C GLY A 275 3.12 -17.93 -30.37
N GLU A 276 2.18 -18.66 -29.80
CA GLU A 276 0.82 -18.17 -29.78
C GLU A 276 0.68 -17.08 -28.73
N ARG A 277 1.48 -17.18 -27.68
CA ARG A 277 1.60 -16.11 -26.68
C ARG A 277 1.83 -14.77 -27.36
N SER A 278 2.90 -14.73 -28.14
CA SER A 278 3.31 -13.54 -28.86
C SER A 278 2.23 -13.05 -29.83
N SER A 279 1.71 -13.93 -30.67
CA SER A 279 0.75 -13.51 -31.68
C SER A 279 -0.57 -13.04 -31.06
N ARG A 280 -1.01 -13.70 -29.98
CA ARG A 280 -2.27 -13.33 -29.35
C ARG A 280 -2.18 -11.97 -28.69
N LEU A 281 -1.06 -11.76 -27.99
CA LEU A 281 -0.76 -10.48 -27.37
C LEU A 281 -0.62 -9.40 -28.41
N LEU A 282 0.13 -9.70 -29.48
CA LEU A 282 0.32 -8.76 -30.56
C LEU A 282 -1.02 -8.42 -31.18
N SER A 283 -1.84 -9.45 -31.37
CA SER A 283 -3.14 -9.22 -31.99
C SER A 283 -4.00 -8.29 -31.15
N ALA A 284 -4.02 -8.53 -29.84
CA ALA A 284 -4.80 -7.67 -28.95
C ALA A 284 -4.33 -6.23 -29.02
N LEU A 285 -3.02 -6.01 -29.03
CA LEU A 285 -2.45 -4.67 -29.04
C LEU A 285 -2.71 -3.94 -30.36
N ASN A 286 -2.69 -4.68 -31.46
CA ASN A 286 -2.89 -4.11 -32.78
C ASN A 286 -4.35 -3.82 -33.14
N SER A 287 -5.27 -4.49 -32.47
CA SER A 287 -6.66 -4.50 -32.93
C SER A 287 -7.59 -3.59 -32.14
N HIS A 288 -7.18 -3.17 -30.96
CA HIS A 288 -8.06 -2.35 -30.12
C HIS A 288 -7.58 -0.92 -30.09
N LYS A 289 -7.88 -0.17 -31.15
CA LYS A 289 -7.31 1.15 -31.37
C LYS A 289 -7.96 2.17 -30.45
N ASP A 290 -9.11 1.81 -29.89
CA ASP A 290 -9.73 2.62 -28.86
C ASP A 290 -8.91 2.59 -27.56
N ARG A 291 -8.13 1.53 -27.35
CA ARG A 291 -7.32 1.39 -26.14
C ARG A 291 -5.85 1.67 -26.38
N PHE A 292 -5.34 1.19 -27.51
CA PHE A 292 -3.90 1.13 -27.76
C PHE A 292 -3.48 1.95 -28.97
N ILE A 293 -2.46 2.78 -28.78
CA ILE A 293 -1.90 3.52 -29.90
C ILE A 293 -0.57 2.86 -30.31
N SER A 294 -0.34 2.72 -31.61
CA SER A 294 0.84 1.99 -32.08
C SER A 294 1.77 2.92 -32.84
N GLY A 295 3.02 2.49 -32.99
CA GLY A 295 4.00 3.27 -33.70
C GLY A 295 5.08 2.35 -34.20
N ARG A 296 5.95 2.90 -35.04
CA ARG A 296 7.01 2.10 -35.63
C ARG A 296 8.27 2.91 -35.72
N GLU A 297 9.41 2.27 -35.50
CA GLU A 297 10.71 2.84 -35.82
C GLU A 297 11.46 1.76 -36.56
N ILE A 298 11.20 1.66 -37.86
CA ILE A 298 11.69 0.54 -38.65
C ILE A 298 13.22 0.46 -38.68
N LYS A 299 13.89 1.60 -38.64
CA LYS A 299 15.36 1.62 -38.71
C LYS A 299 15.98 1.06 -37.43
N LYS A 300 15.17 0.99 -36.38
CA LYS A 300 15.62 0.44 -35.11
C LYS A 300 14.93 -0.88 -34.83
N ARG A 301 14.18 -1.36 -35.83
CA ARG A 301 13.40 -2.59 -35.70
C ARG A 301 12.54 -2.56 -34.45
N LYS A 302 11.80 -1.47 -34.27
CA LYS A 302 10.93 -1.33 -33.10
C LYS A 302 9.49 -1.25 -33.53
N CYS A 303 8.64 -1.92 -32.75
CA CYS A 303 7.20 -1.87 -32.91
C CYS A 303 6.61 -1.43 -31.57
N LEU A 304 6.07 -0.21 -31.54
CA LEU A 304 5.75 0.44 -30.27
C LEU A 304 4.25 0.46 -29.97
N PHE A 305 3.90 0.26 -28.71
CA PHE A 305 2.51 0.42 -28.27
C PHE A 305 2.42 1.27 -27.01
N GLY A 306 1.35 2.06 -26.90
CA GLY A 306 1.12 2.82 -25.69
C GLY A 306 -0.37 2.91 -25.48
N LEU A 307 -0.76 3.39 -24.29
CA LEU A 307 -2.16 3.54 -23.95
C LEU A 307 -2.70 4.90 -24.38
N HIS A 308 -3.93 4.91 -24.89
CA HIS A 308 -4.67 6.16 -25.08
C HIS A 308 -5.05 6.81 -23.77
N ALA A 309 -5.69 6.04 -22.91
CA ALA A 309 -6.33 6.57 -21.72
C ALA A 309 -5.43 6.45 -20.50
N ARG A 310 -5.61 7.37 -19.56
CA ARG A 310 -4.87 7.36 -18.31
C ARG A 310 -5.49 6.36 -17.33
N MET A 311 -6.82 6.20 -17.39
CA MET A 311 -7.52 5.35 -16.44
C MET A 311 -7.15 3.86 -16.60
N PRO A 312 -7.13 3.11 -15.50
CA PRO A 312 -6.84 1.66 -15.56
C PRO A 312 -7.87 0.92 -16.42
N PRO A 313 -7.55 -0.29 -16.90
CA PRO A 313 -8.49 -1.10 -17.73
C PRO A 313 -9.84 -1.35 -17.05
N PRO A 314 -10.94 -1.28 -17.80
CA PRO A 314 -12.29 -1.59 -17.33
C PRO A 314 -12.40 -3.06 -16.95
N VAL A 315 -13.14 -3.38 -15.88
CA VAL A 315 -13.29 -4.77 -15.46
C VAL A 315 -14.61 -5.33 -15.96
N GLU A 316 -14.55 -6.20 -16.97
CA GLU A 316 -15.75 -6.76 -17.59
C GLU A 316 -15.62 -8.26 -17.84
ZN ZN B . 6.77 -0.17 18.91
ZN ZN C . -2.01 8.45 25.84
ZN ZN D . -1.76 -0.08 4.36
ZN ZN E . -14.04 -4.01 4.44
#